data_5ZA1
#
_entry.id   5ZA1
#
_cell.length_a   97.501
_cell.length_b   97.501
_cell.length_c   128.114
_cell.angle_alpha   90.000
_cell.angle_beta   90.000
_cell.angle_gamma   120.000
#
_symmetry.space_group_name_H-M   'P 61'
#
loop_
_entity.id
_entity.type
_entity.pdbx_description
1 polymer 'Nuclear receptor ROR-gamma'
2 non-polymer 2-[4-({[4-(ethylsulfonyl)phenyl]acetyl}amino)phenyl]-2-methyl-N-phenylpropanamide
3 non-polymer 1,2-ETHANEDIOL
4 non-polymer DIMETHYLFORMAMIDE
5 water water
#
_entity_poly.entity_id   1
_entity_poly.type   'polypeptide(L)'
_entity_poly.pdbx_seq_one_letter_code
;GSHNASLTEIEHLVQSVCKSYRETCQLRLEDLLRQRSNIFSREEVTGYQRKSMWEMWERCAHHLTEAIQYVVEFAKRLSG
FMELCQNDQIVLLKAGAMEVVLVRMCRAYNADNRTVFFEGKYGGMELFRALGCSELISSIFDFSHSLSALHFSEDEIALY
TALVLINAHRPGLQEKRKVEQLQYNLELAFHHHLCKTHRQSILAKLPPKGKLRSLCSQHVERLQIFQHLHPIVV
;
_entity_poly.pdbx_strand_id   A,B
#
loop_
_chem_comp.id
_chem_comp.type
_chem_comp.name
_chem_comp.formula
9A0 non-polymer 2-[4-({[4-(ethylsulfonyl)phenyl]acetyl}amino)phenyl]-2-methyl-N-phenylpropanamide 'C26 H28 N2 O4 S'
DMF non-polymer DIMETHYLFORMAMIDE 'C3 H7 N O'
EDO non-polymer 1,2-ETHANEDIOL 'C2 H6 O2'
#
# COMPACT_ATOMS: atom_id res chain seq x y z
N ALA A 5 36.55 -11.15 0.27
CA ALA A 5 35.56 -11.66 1.27
C ALA A 5 35.98 -13.00 1.91
N SER A 6 36.46 -12.91 3.15
CA SER A 6 36.92 -14.08 3.92
C SER A 6 35.79 -15.07 4.31
N LEU A 7 36.16 -16.21 4.88
CA LEU A 7 35.18 -17.17 5.39
C LEU A 7 34.27 -16.48 6.40
N THR A 8 34.89 -15.84 7.37
CA THR A 8 34.20 -15.01 8.36
C THR A 8 33.19 -14.03 7.79
N GLU A 9 33.52 -13.37 6.68
CA GLU A 9 32.61 -12.33 6.10
C GLU A 9 31.36 -12.95 5.48
N ILE A 10 31.56 -14.05 4.76
CA ILE A 10 30.51 -14.84 4.15
C ILE A 10 29.62 -15.38 5.24
N GLU A 11 30.22 -16.07 6.23
CA GLU A 11 29.47 -16.70 7.36
C GLU A 11 28.75 -15.72 8.26
N HIS A 12 29.32 -14.54 8.42
CA HIS A 12 28.61 -13.42 9.01
C HIS A 12 27.43 -13.08 8.12
N LEU A 13 27.65 -12.86 6.83
CA LEU A 13 26.57 -12.41 5.93
C LEU A 13 25.39 -13.40 5.93
N VAL A 14 25.69 -14.70 6.02
CA VAL A 14 24.65 -15.74 6.12
C VAL A 14 23.78 -15.51 7.34
N GLN A 15 24.45 -15.45 8.50
CA GLN A 15 23.81 -15.39 9.82
C GLN A 15 22.97 -14.14 9.87
N SER A 16 23.49 -13.10 9.26
CA SER A 16 22.83 -11.83 9.21
C SER A 16 21.53 -11.87 8.42
N VAL A 17 21.58 -12.42 7.19
CA VAL A 17 20.39 -12.47 6.30
C VAL A 17 19.29 -13.33 6.93
N CYS A 18 19.70 -14.46 7.49
CA CYS A 18 18.80 -15.28 8.28
C CYS A 18 18.25 -14.58 9.54
N LYS A 19 18.93 -13.54 10.03
CA LYS A 19 18.44 -12.78 11.18
C LYS A 19 17.29 -11.99 10.64
N SER A 20 17.55 -11.18 9.62
CA SER A 20 16.56 -10.28 9.04
C SER A 20 15.30 -10.95 8.47
N TYR A 21 15.44 -12.18 7.96
CA TYR A 21 14.31 -12.92 7.47
C TYR A 21 13.40 -13.33 8.64
N ARG A 22 14.00 -13.97 9.65
CA ARG A 22 13.35 -14.34 10.92
C ARG A 22 12.56 -13.15 11.60
N GLU A 23 13.11 -11.96 11.52
CA GLU A 23 12.47 -10.79 12.10
C GLU A 23 11.40 -10.18 11.19
N THR A 24 11.24 -10.72 9.98
CA THR A 24 10.30 -10.21 9.00
C THR A 24 9.50 -11.29 8.25
N CYS A 25 9.56 -12.54 8.71
CA CYS A 25 8.94 -13.62 7.99
C CYS A 25 7.40 -13.60 8.00
N GLN A 26 6.79 -12.70 8.80
CA GLN A 26 5.33 -12.46 8.88
C GLN A 26 4.60 -13.48 9.74
N LEU A 27 4.48 -14.72 9.33
CA LEU A 27 3.85 -15.75 10.17
C LEU A 27 4.90 -16.81 10.49
N ARG A 28 4.94 -17.31 11.73
CA ARG A 28 5.96 -18.31 12.10
C ARG A 28 5.64 -19.58 11.35
N LEU A 29 6.69 -20.28 10.91
CA LEU A 29 6.51 -21.52 10.18
C LEU A 29 5.71 -22.46 11.07
N GLU A 30 6.13 -22.54 12.33
CA GLU A 30 5.50 -23.36 13.36
C GLU A 30 3.94 -23.27 13.36
N ASP A 31 3.42 -22.06 13.45
CA ASP A 31 1.97 -21.76 13.40
C ASP A 31 1.30 -22.21 12.11
N LEU A 32 1.96 -21.96 10.98
CA LEU A 32 1.42 -22.37 9.69
C LEU A 32 1.17 -23.86 9.64
N LEU A 33 2.16 -24.62 10.11
CA LEU A 33 2.08 -26.09 10.04
C LEU A 33 1.03 -26.66 10.98
N ARG A 34 0.92 -26.08 12.17
CA ARG A 34 -0.06 -26.52 13.13
C ARG A 34 -1.51 -26.23 12.68
N GLN A 35 -1.70 -25.13 11.96
CA GLN A 35 -3.00 -24.70 11.45
C GLN A 35 -3.46 -25.53 10.25
N ARG A 36 -2.64 -26.47 9.79
CA ARG A 36 -3.00 -27.31 8.64
C ARG A 36 -4.27 -28.12 8.73
N SER A 37 -4.72 -28.43 9.95
CA SER A 37 -5.96 -29.18 10.17
C SER A 37 -7.18 -28.24 10.22
N ASN A 38 -6.94 -26.95 10.43
CA ASN A 38 -7.97 -25.93 10.32
C ASN A 38 -8.25 -25.64 8.83
N ILE A 39 -9.25 -26.34 8.26
CA ILE A 39 -9.62 -26.30 6.83
C ILE A 39 -11.00 -25.66 6.62
N PHE A 40 -11.13 -24.78 5.61
CA PHE A 40 -12.44 -24.21 5.30
C PHE A 40 -13.46 -25.33 5.01
N SER A 41 -14.67 -25.20 5.53
CA SER A 41 -15.73 -26.18 5.27
C SER A 41 -16.27 -25.94 3.89
N ARG A 42 -17.15 -26.81 3.45
CA ARG A 42 -17.80 -26.65 2.13
C ARG A 42 -18.67 -25.36 2.11
N GLU A 43 -19.36 -25.05 3.23
CA GLU A 43 -20.12 -23.81 3.35
C GLU A 43 -19.21 -22.56 3.21
N GLU A 44 -18.05 -22.61 3.86
CA GLU A 44 -17.14 -21.48 3.86
C GLU A 44 -16.57 -21.26 2.47
N VAL A 45 -16.21 -22.35 1.79
CA VAL A 45 -15.70 -22.29 0.43
C VAL A 45 -16.68 -21.62 -0.55
N THR A 46 -17.93 -22.08 -0.49
CA THR A 46 -19.06 -21.53 -1.23
C THR A 46 -19.21 -20.04 -0.92
N GLY A 47 -19.13 -19.65 0.35
CA GLY A 47 -19.13 -18.21 0.69
C GLY A 47 -18.10 -17.38 -0.10
N TYR A 48 -16.87 -17.89 -0.23
CA TYR A 48 -15.86 -17.19 -0.99
C TYR A 48 -16.13 -17.25 -2.48
N GLN A 49 -16.66 -18.37 -2.97
CA GLN A 49 -16.99 -18.47 -4.39
C GLN A 49 -18.08 -17.50 -4.85
N ARG A 50 -18.96 -17.16 -3.93
CA ARG A 50 -20.10 -16.34 -4.22
C ARG A 50 -19.79 -14.85 -4.15
N LYS A 51 -18.66 -14.50 -3.56
CA LYS A 51 -18.27 -13.14 -3.48
C LYS A 51 -18.05 -12.59 -4.85
N SER A 52 -18.25 -11.31 -5.00
CA SER A 52 -17.95 -10.69 -6.27
C SER A 52 -16.45 -10.76 -6.56
N MET A 53 -16.13 -10.69 -7.84
CA MET A 53 -14.76 -10.68 -8.27
C MET A 53 -14.10 -9.39 -7.77
N TRP A 54 -14.88 -8.31 -7.67
CA TRP A 54 -14.35 -7.06 -7.12
C TRP A 54 -13.94 -7.22 -5.69
N GLU A 55 -14.78 -7.79 -4.85
CA GLU A 55 -14.42 -7.99 -3.45
C GLU A 55 -13.25 -8.98 -3.28
N MET A 56 -13.22 -10.07 -4.04
CA MET A 56 -12.14 -11.05 -3.93
C MET A 56 -10.81 -10.46 -4.36
N TRP A 57 -10.76 -9.80 -5.50
CA TRP A 57 -9.52 -9.12 -5.95
C TRP A 57 -9.05 -8.09 -4.93
N GLU A 58 -9.99 -7.39 -4.30
CA GLU A 58 -9.69 -6.41 -3.26
C GLU A 58 -9.07 -7.06 -1.99
N ARG A 59 -9.67 -8.13 -1.54
CA ARG A 59 -9.17 -8.86 -0.38
C ARG A 59 -7.78 -9.41 -0.61
N CYS A 60 -7.60 -10.05 -1.76
CA CYS A 60 -6.37 -10.67 -2.10
C CYS A 60 -5.24 -9.66 -2.30
N ALA A 61 -5.59 -8.50 -2.87
CA ALA A 61 -4.64 -7.39 -3.05
C ALA A 61 -4.19 -6.86 -1.71
N HIS A 62 -5.11 -6.81 -0.78
CA HIS A 62 -4.86 -6.31 0.54
C HIS A 62 -3.87 -7.23 1.25
N HIS A 63 -4.05 -8.54 1.10
CA HIS A 63 -3.18 -9.48 1.76
C HIS A 63 -1.85 -9.52 1.11
N LEU A 64 -1.80 -9.36 -0.22
CA LEU A 64 -0.54 -9.31 -0.93
C LEU A 64 0.28 -8.08 -0.54
N THR A 65 -0.42 -6.97 -0.34
CA THR A 65 0.21 -5.68 -0.05
C THR A 65 0.77 -5.73 1.37
N GLU A 66 0.06 -6.36 2.26
CA GLU A 66 0.61 -6.62 3.57
C GLU A 66 1.86 -7.49 3.47
N ALA A 67 1.80 -8.58 2.69
CA ALA A 67 2.97 -9.45 2.58
C ALA A 67 4.17 -8.69 2.00
N ILE A 68 3.94 -7.86 1.00
CA ILE A 68 4.99 -7.02 0.45
C ILE A 68 5.61 -6.09 1.50
N GLN A 69 4.78 -5.56 2.39
CA GLN A 69 5.26 -4.64 3.41
C GLN A 69 6.33 -5.34 4.29
N TYR A 70 6.09 -6.58 4.68
CA TYR A 70 7.07 -7.35 5.43
C TYR A 70 8.30 -7.64 4.60
N VAL A 71 8.15 -7.75 3.28
CA VAL A 71 9.32 -7.89 2.39
C VAL A 71 10.14 -6.61 2.28
N VAL A 72 9.48 -5.46 2.26
CA VAL A 72 10.18 -4.16 2.31
C VAL A 72 11.04 -4.07 3.56
N GLU A 73 10.47 -4.47 4.68
CA GLU A 73 11.20 -4.46 5.94
C GLU A 73 12.43 -5.38 5.91
N PHE A 74 12.26 -6.58 5.31
CA PHE A 74 13.37 -7.53 5.10
C PHE A 74 14.50 -6.88 4.30
N ALA A 75 14.12 -6.17 3.25
CA ALA A 75 15.08 -5.53 2.38
C ALA A 75 15.76 -4.38 3.13
N LYS A 76 14.96 -3.61 3.88
CA LYS A 76 15.49 -2.56 4.72
C LYS A 76 16.52 -3.01 5.76
N ARG A 77 16.58 -4.32 6.05
CA ARG A 77 17.57 -4.89 6.98
C ARG A 77 18.71 -5.66 6.33
N LEU A 78 18.67 -5.85 5.01
CA LEU A 78 19.82 -6.38 4.29
C LEU A 78 20.87 -5.30 4.25
N SER A 79 22.05 -5.63 4.76
CA SER A 79 23.19 -4.69 4.75
C SER A 79 23.70 -4.73 3.31
N GLY A 80 23.82 -3.55 2.71
CA GLY A 80 24.00 -3.42 1.27
C GLY A 80 22.81 -2.72 0.67
N PHE A 81 21.60 -3.20 0.99
CA PHE A 81 20.38 -2.61 0.44
C PHE A 81 20.24 -1.08 0.66
N MET A 82 20.52 -0.62 1.89
CA MET A 82 20.37 0.81 2.25
C MET A 82 21.51 1.65 1.65
N GLU A 83 22.66 1.04 1.43
CA GLU A 83 23.79 1.70 0.80
C GLU A 83 23.49 2.09 -0.65
N LEU A 84 22.54 1.43 -1.29
CA LEU A 84 22.12 1.76 -2.64
C LEU A 84 21.33 3.07 -2.70
N CYS A 85 21.32 3.69 -3.88
CA CYS A 85 20.56 4.93 -4.14
C CYS A 85 19.03 4.69 -4.13
N GLN A 86 18.29 5.74 -3.74
CA GLN A 86 16.83 5.68 -3.60
C GLN A 86 16.16 5.05 -4.84
N ASN A 87 16.64 5.40 -6.03
CA ASN A 87 16.13 4.85 -7.28
C ASN A 87 16.21 3.32 -7.37
N ASP A 88 17.34 2.75 -6.99
CA ASP A 88 17.55 1.31 -7.18
C ASP A 88 16.80 0.49 -6.13
N GLN A 89 16.82 0.94 -4.88
CA GLN A 89 15.95 0.44 -3.83
C GLN A 89 14.55 0.21 -4.39
N ILE A 90 13.95 1.29 -4.91
CA ILE A 90 12.60 1.24 -5.46
C ILE A 90 12.50 0.27 -6.64
N VAL A 91 13.49 0.32 -7.55
CA VAL A 91 13.51 -0.56 -8.71
C VAL A 91 13.50 -2.03 -8.31
N LEU A 92 14.39 -2.40 -7.39
CA LEU A 92 14.49 -3.80 -6.93
C LEU A 92 13.21 -4.26 -6.24
N LEU A 93 12.59 -3.34 -5.50
CA LEU A 93 11.36 -3.63 -4.78
C LEU A 93 10.15 -3.75 -5.68
N LYS A 94 9.99 -2.80 -6.61
CA LYS A 94 8.91 -2.85 -7.61
C LYS A 94 9.02 -4.18 -8.33
N ALA A 95 10.23 -4.52 -8.75
CA ALA A 95 10.45 -5.74 -9.53
C ALA A 95 10.41 -7.00 -8.67
N GLY A 96 10.91 -6.92 -7.44
CA GLY A 96 11.21 -8.10 -6.65
C GLY A 96 10.27 -8.50 -5.54
N ALA A 97 9.59 -7.55 -4.93
CA ALA A 97 8.92 -7.86 -3.65
C ALA A 97 7.90 -8.99 -3.78
N MET A 98 7.14 -8.90 -4.84
CA MET A 98 6.08 -9.83 -5.15
CA MET A 98 6.09 -9.85 -5.12
C MET A 98 6.65 -11.24 -5.45
N GLU A 99 7.84 -11.28 -6.02
CA GLU A 99 8.47 -12.59 -6.33
C GLU A 99 8.91 -13.25 -5.02
N VAL A 100 9.38 -12.44 -4.10
CA VAL A 100 9.73 -12.92 -2.75
C VAL A 100 8.51 -13.46 -2.05
N VAL A 101 7.40 -12.75 -2.16
CA VAL A 101 6.14 -13.20 -1.54
C VAL A 101 5.76 -14.58 -2.08
N LEU A 102 5.83 -14.75 -3.38
CA LEU A 102 5.49 -16.00 -4.01
C LEU A 102 6.32 -17.16 -3.44
N VAL A 103 7.61 -16.93 -3.31
CA VAL A 103 8.49 -17.91 -2.67
C VAL A 103 8.12 -18.15 -1.22
N ARG A 104 8.00 -17.04 -0.47
CA ARG A 104 7.65 -17.13 0.95
C ARG A 104 6.37 -17.93 1.12
N MET A 105 5.38 -17.62 0.30
CA MET A 105 4.08 -18.22 0.46
C MET A 105 4.03 -19.71 0.29
N CYS A 106 5.02 -20.31 -0.34
CA CYS A 106 5.09 -21.78 -0.40
C CYS A 106 5.16 -22.42 1.01
N ARG A 107 5.54 -21.63 2.01
CA ARG A 107 5.51 -22.04 3.38
C ARG A 107 4.09 -22.25 3.88
N ALA A 108 3.17 -21.49 3.31
CA ALA A 108 1.76 -21.59 3.62
C ALA A 108 0.98 -22.55 2.71
N TYR A 109 1.69 -23.37 1.94
CA TYR A 109 1.08 -24.39 1.09
C TYR A 109 1.21 -25.82 1.65
N ASN A 110 0.11 -26.57 1.69
CA ASN A 110 0.13 -27.95 2.13
C ASN A 110 -0.01 -28.86 0.93
N ALA A 111 1.06 -29.54 0.52
CA ALA A 111 1.02 -30.52 -0.58
C ALA A 111 0.13 -31.74 -0.36
N ASP A 112 -0.17 -32.11 0.87
CA ASP A 112 -0.96 -33.35 1.15
C ASP A 112 -2.39 -33.24 0.64
N ASN A 113 -3.00 -32.05 0.79
CA ASN A 113 -4.41 -31.78 0.29
C ASN A 113 -4.52 -30.61 -0.70
N ARG A 114 -3.36 -30.12 -1.15
CA ARG A 114 -3.29 -29.03 -2.14
C ARG A 114 -3.97 -27.73 -1.72
N THR A 115 -3.70 -27.31 -0.49
CA THR A 115 -4.34 -26.16 0.08
C THR A 115 -3.35 -25.08 0.50
N VAL A 116 -3.88 -23.87 0.64
CA VAL A 116 -3.08 -22.70 1.06
C VAL A 116 -3.76 -21.98 2.20
N PHE A 117 -2.95 -21.40 3.09
CA PHE A 117 -3.46 -20.59 4.19
C PHE A 117 -3.92 -19.25 3.65
N PHE A 118 -5.12 -18.85 4.03
CA PHE A 118 -5.80 -17.64 3.49
C PHE A 118 -6.91 -17.25 4.48
N GLU A 119 -6.76 -16.09 5.11
CA GLU A 119 -7.76 -15.57 6.07
C GLU A 119 -8.09 -16.58 7.14
N GLY A 120 -7.05 -17.14 7.77
CA GLY A 120 -7.20 -17.93 8.99
C GLY A 120 -7.44 -19.40 8.83
N LYS A 121 -7.59 -19.89 7.61
CA LYS A 121 -7.79 -21.34 7.40
C LYS A 121 -7.12 -21.76 6.11
N TYR A 122 -7.04 -23.09 5.92
CA TYR A 122 -6.57 -23.66 4.68
C TYR A 122 -7.69 -23.97 3.71
N GLY A 123 -7.50 -23.59 2.45
CA GLY A 123 -8.36 -24.01 1.34
C GLY A 123 -7.69 -24.21 -0.02
N GLY A 124 -8.40 -24.92 -0.89
CA GLY A 124 -7.92 -25.29 -2.20
C GLY A 124 -8.07 -24.14 -3.15
N MET A 125 -7.59 -24.36 -4.38
CA MET A 125 -7.66 -23.36 -5.41
C MET A 125 -9.09 -22.91 -5.76
N GLU A 126 -10.05 -23.77 -5.46
CA GLU A 126 -11.44 -23.45 -5.62
C GLU A 126 -11.97 -22.23 -4.84
N LEU A 127 -11.28 -21.80 -3.78
CA LEU A 127 -11.65 -20.62 -3.02
C LEU A 127 -11.69 -19.43 -3.92
N PHE A 128 -10.76 -19.40 -4.85
CA PHE A 128 -10.54 -18.24 -5.70
C PHE A 128 -11.32 -18.26 -7.02
N ARG A 129 -12.37 -19.08 -7.11
CA ARG A 129 -13.14 -19.21 -8.33
C ARG A 129 -13.57 -17.87 -8.83
N ALA A 130 -14.08 -17.02 -7.94
CA ALA A 130 -14.73 -15.77 -8.36
C ALA A 130 -13.80 -14.81 -9.11
N LEU A 131 -12.50 -14.93 -8.88
CA LEU A 131 -11.50 -14.15 -9.63
C LEU A 131 -11.49 -14.38 -11.15
N GLY A 132 -11.93 -15.54 -11.59
CA GLY A 132 -12.03 -15.81 -13.01
C GLY A 132 -10.80 -16.44 -13.63
N CYS A 133 -9.62 -16.07 -13.12
CA CYS A 133 -8.35 -16.46 -13.71
C CYS A 133 -7.83 -17.84 -13.25
N SER A 134 -8.53 -18.87 -13.65
CA SER A 134 -8.22 -20.23 -13.22
C SER A 134 -6.87 -20.78 -13.67
N GLU A 135 -6.41 -20.39 -14.84
CA GLU A 135 -5.10 -20.81 -15.37
C GLU A 135 -3.98 -20.32 -14.44
N LEU A 136 -3.98 -19.01 -14.20
CA LEU A 136 -3.05 -18.41 -13.26
C LEU A 136 -2.99 -19.05 -11.86
N ILE A 137 -4.14 -19.24 -11.24
CA ILE A 137 -4.20 -19.81 -9.90
C ILE A 137 -3.64 -21.22 -9.89
N SER A 138 -4.11 -22.03 -10.82
CA SER A 138 -3.51 -23.35 -11.05
C SER A 138 -1.97 -23.28 -11.20
N SER A 139 -1.44 -22.37 -12.03
CA SER A 139 0.04 -22.19 -12.16
C SER A 139 0.73 -21.84 -10.83
N ILE A 140 0.12 -20.93 -10.07
CA ILE A 140 0.61 -20.60 -8.77
C ILE A 140 0.57 -21.82 -7.86
N PHE A 141 -0.51 -22.58 -7.89
CA PHE A 141 -0.56 -23.79 -7.06
C PHE A 141 0.43 -24.88 -7.48
N ASP A 142 0.59 -25.07 -8.80
CA ASP A 142 1.57 -26.02 -9.36
C ASP A 142 2.98 -25.59 -8.99
N PHE A 143 3.30 -24.32 -9.21
CA PHE A 143 4.59 -23.80 -8.77
C PHE A 143 4.87 -24.08 -7.29
N SER A 144 3.88 -23.81 -6.44
CA SER A 144 4.02 -24.00 -4.99
C SER A 144 4.15 -25.45 -4.62
N HIS A 145 3.34 -26.30 -5.26
CA HIS A 145 3.49 -27.76 -5.15
C HIS A 145 4.92 -28.20 -5.41
N SER A 146 5.45 -27.69 -6.49
CA SER A 146 6.82 -28.00 -6.90
C SER A 146 7.82 -27.50 -5.87
N LEU A 147 7.67 -26.27 -5.41
CA LEU A 147 8.63 -25.73 -4.46
C LEU A 147 8.51 -26.39 -3.10
N SER A 148 7.26 -26.70 -2.72
CA SER A 148 6.92 -27.41 -1.50
C SER A 148 7.66 -28.72 -1.29
N ALA A 149 7.79 -29.47 -2.38
CA ALA A 149 8.33 -30.83 -2.37
C ALA A 149 9.81 -30.96 -2.05
N LEU A 150 10.55 -29.87 -2.14
CA LEU A 150 11.96 -29.91 -1.78
C LEU A 150 12.26 -29.33 -0.38
N HIS A 151 11.23 -29.03 0.40
CA HIS A 151 11.34 -28.73 1.85
C HIS A 151 12.32 -27.63 2.22
N PHE A 152 12.15 -26.45 1.63
CA PHE A 152 12.99 -25.31 1.92
C PHE A 152 12.99 -25.05 3.41
N SER A 153 14.17 -25.10 4.02
CA SER A 153 14.34 -24.61 5.35
C SER A 153 14.13 -23.09 5.39
N GLU A 154 13.92 -22.57 6.59
CA GLU A 154 13.71 -21.16 6.77
C GLU A 154 14.94 -20.35 6.38
N ASP A 155 16.14 -20.86 6.68
CA ASP A 155 17.38 -20.14 6.27
C ASP A 155 17.59 -20.18 4.75
N GLU A 156 17.15 -21.29 4.14
CA GLU A 156 17.20 -21.43 2.68
C GLU A 156 16.28 -20.39 2.01
N ILE A 157 15.09 -20.23 2.59
CA ILE A 157 14.19 -19.20 2.17
C ILE A 157 14.81 -17.84 2.30
N ALA A 158 15.43 -17.58 3.44
CA ALA A 158 16.08 -16.32 3.65
C ALA A 158 17.12 -16.08 2.57
N LEU A 159 18.00 -17.05 2.37
CA LEU A 159 19.13 -16.83 1.44
C LEU A 159 18.70 -16.69 -0.01
N TYR A 160 17.80 -17.58 -0.41
CA TYR A 160 17.19 -17.54 -1.73
C TYR A 160 16.37 -16.24 -2.02
N THR A 161 15.45 -15.90 -1.12
CA THR A 161 14.68 -14.66 -1.32
C THR A 161 15.56 -13.39 -1.35
N ALA A 162 16.68 -13.41 -0.64
CA ALA A 162 17.58 -12.27 -0.71
C ALA A 162 18.14 -12.14 -2.14
N LEU A 163 18.51 -13.26 -2.75
CA LEU A 163 18.93 -13.27 -4.17
C LEU A 163 17.79 -13.02 -5.16
N VAL A 164 16.55 -13.38 -4.82
CA VAL A 164 15.44 -13.01 -5.68
C VAL A 164 15.38 -11.50 -5.81
N LEU A 165 15.65 -10.83 -4.72
CA LEU A 165 15.49 -9.41 -4.63
C LEU A 165 16.72 -8.68 -5.15
N ILE A 166 17.88 -9.05 -4.65
CA ILE A 166 19.14 -8.44 -5.08
C ILE A 166 19.64 -9.06 -6.45
N ASN A 167 19.11 -8.51 -7.54
CA ASN A 167 19.29 -9.03 -8.86
C ASN A 167 19.75 -7.86 -9.72
N ALA A 168 20.98 -7.96 -10.22
CA ALA A 168 21.58 -6.85 -10.96
C ALA A 168 21.03 -6.65 -12.39
N HIS A 169 20.24 -7.60 -12.91
CA HIS A 169 19.67 -7.51 -14.26
C HIS A 169 18.33 -6.77 -14.37
N ARG A 170 17.92 -6.10 -13.30
CA ARG A 170 16.65 -5.43 -13.28
C ARG A 170 16.77 -4.16 -14.11
N PRO A 171 15.88 -3.97 -15.11
CA PRO A 171 15.98 -2.75 -15.91
C PRO A 171 15.66 -1.50 -15.10
N GLY A 172 16.42 -0.43 -15.36
CA GLY A 172 16.25 0.86 -14.64
C GLY A 172 17.30 1.15 -13.59
N LEU A 173 18.09 0.14 -13.21
CA LEU A 173 19.13 0.34 -12.20
C LEU A 173 20.18 1.33 -12.71
N GLN A 174 20.52 2.28 -11.83
CA GLN A 174 21.50 3.31 -12.10
C GLN A 174 22.89 3.01 -11.54
N GLU A 175 22.98 2.22 -10.47
CA GLU A 175 24.28 1.73 -9.93
C GLU A 175 24.38 0.19 -10.04
N LYS A 176 24.19 -0.32 -11.25
CA LYS A 176 24.26 -1.75 -11.54
C LYS A 176 25.47 -2.52 -10.96
N ARG A 177 26.65 -1.92 -11.01
CA ARG A 177 27.90 -2.58 -10.58
C ARG A 177 27.89 -2.85 -9.08
N LYS A 178 27.24 -1.94 -8.35
CA LYS A 178 27.13 -2.06 -6.91
C LYS A 178 26.20 -3.25 -6.56
N VAL A 179 25.07 -3.37 -7.27
CA VAL A 179 24.11 -4.44 -7.02
C VAL A 179 24.77 -5.78 -7.33
N GLU A 180 25.59 -5.82 -8.39
CA GLU A 180 26.31 -7.04 -8.78
C GLU A 180 27.22 -7.51 -7.68
N GLN A 181 27.97 -6.58 -7.10
CA GLN A 181 28.89 -6.94 -6.04
C GLN A 181 28.12 -7.54 -4.86
N LEU A 182 26.95 -6.99 -4.59
CA LEU A 182 26.10 -7.45 -3.50
C LEU A 182 25.39 -8.79 -3.83
N GLN A 183 24.88 -8.90 -5.06
CA GLN A 183 24.37 -10.16 -5.55
C GLN A 183 25.42 -11.25 -5.45
N TYR A 184 26.65 -10.92 -5.81
CA TYR A 184 27.71 -11.90 -5.77
C TYR A 184 28.00 -12.38 -4.34
N ASN A 185 27.96 -11.49 -3.36
CA ASN A 185 28.25 -11.89 -1.98
C ASN A 185 27.15 -12.74 -1.41
N LEU A 186 25.92 -12.46 -1.80
CA LEU A 186 24.76 -13.24 -1.38
C LEU A 186 24.79 -14.63 -2.01
N GLU A 187 25.31 -14.74 -3.23
CA GLU A 187 25.52 -16.03 -3.86
C GLU A 187 26.57 -16.86 -3.12
N LEU A 188 27.67 -16.24 -2.74
CA LEU A 188 28.69 -16.96 -1.97
C LEU A 188 28.13 -17.48 -0.68
N ALA A 189 27.28 -16.69 -0.03
CA ALA A 189 26.66 -17.05 1.26
C ALA A 189 25.72 -18.22 1.12
N PHE A 190 24.77 -18.09 0.19
CA PHE A 190 23.84 -19.17 -0.16
C PHE A 190 24.59 -20.47 -0.44
N HIS A 191 25.53 -20.43 -1.38
CA HIS A 191 26.33 -21.62 -1.71
C HIS A 191 27.16 -22.10 -0.54
N HIS A 192 27.78 -21.18 0.19
CA HIS A 192 28.50 -21.57 1.39
C HIS A 192 27.58 -22.40 2.29
N HIS A 193 26.42 -21.83 2.62
CA HIS A 193 25.52 -22.42 3.60
C HIS A 193 24.94 -23.76 3.14
N LEU A 194 24.63 -23.84 1.85
CA LEU A 194 24.20 -25.09 1.25
C LEU A 194 25.23 -26.16 1.43
N CYS A 195 26.49 -25.79 1.20
CA CYS A 195 27.61 -26.68 1.44
C CYS A 195 27.68 -27.21 2.86
N LYS A 196 27.73 -26.31 3.83
CA LYS A 196 27.79 -26.71 5.25
C LYS A 196 26.61 -27.61 5.71
N THR A 197 25.43 -27.40 5.10
CA THR A 197 24.22 -28.14 5.44
C THR A 197 23.98 -29.31 4.50
N HIS A 198 24.91 -29.56 3.58
CA HIS A 198 24.81 -30.70 2.67
C HIS A 198 23.51 -30.62 1.89
N ARG A 199 23.16 -29.41 1.44
CA ARG A 199 21.93 -29.16 0.69
C ARG A 199 22.18 -28.63 -0.76
N GLN A 200 23.38 -28.88 -1.29
CA GLN A 200 23.73 -28.40 -2.64
C GLN A 200 22.83 -28.98 -3.72
N SER A 201 22.11 -30.06 -3.42
CA SER A 201 21.20 -30.67 -4.37
C SER A 201 19.96 -29.84 -4.76
N ILE A 202 19.65 -28.81 -4.00
CA ILE A 202 18.47 -28.00 -4.28
C ILE A 202 18.70 -27.01 -5.37
N LEU A 203 19.95 -26.64 -5.60
CA LEU A 203 20.33 -25.69 -6.66
C LEU A 203 19.81 -26.03 -8.04
N ALA A 204 20.13 -27.22 -8.53
CA ALA A 204 19.59 -27.67 -9.82
C ALA A 204 18.06 -27.80 -9.82
N LYS A 205 17.47 -27.91 -8.64
CA LYS A 205 16.01 -28.01 -8.50
C LYS A 205 15.25 -26.69 -8.33
N LEU A 206 15.97 -25.58 -8.21
CA LEU A 206 15.32 -24.32 -8.06
C LEU A 206 14.58 -24.00 -9.35
N PRO A 207 13.52 -23.20 -9.25
CA PRO A 207 12.89 -22.77 -10.48
C PRO A 207 13.80 -21.81 -11.26
N PRO A 208 13.61 -21.71 -12.58
CA PRO A 208 14.33 -20.62 -13.30
C PRO A 208 13.85 -19.24 -12.84
N LYS A 209 14.72 -18.26 -12.81
CA LYS A 209 14.34 -16.91 -12.33
C LYS A 209 13.25 -16.22 -13.17
N GLY A 210 13.23 -16.52 -14.47
CA GLY A 210 12.18 -16.09 -15.38
C GLY A 210 10.78 -16.62 -15.06
N LYS A 211 10.71 -17.72 -14.31
CA LYS A 211 9.44 -18.31 -13.86
C LYS A 211 8.69 -17.47 -12.79
N LEU A 212 9.40 -17.12 -11.72
CA LEU A 212 8.95 -16.11 -10.77
C LEU A 212 8.45 -14.83 -11.47
N ARG A 213 9.21 -14.34 -12.46
CA ARG A 213 8.84 -13.08 -13.12
C ARG A 213 7.51 -13.18 -13.92
N SER A 214 7.39 -14.30 -14.60
CA SER A 214 6.25 -14.62 -15.47
C SER A 214 4.97 -14.89 -14.69
N LEU A 215 5.05 -15.66 -13.61
CA LEU A 215 3.90 -15.86 -12.72
C LEU A 215 3.42 -14.54 -12.09
N CYS A 216 4.38 -13.74 -11.61
CA CYS A 216 4.08 -12.47 -10.98
C CYS A 216 3.58 -11.47 -12.03
N SER A 217 4.10 -11.54 -13.26
CA SER A 217 3.63 -10.68 -14.37
C SER A 217 2.27 -11.11 -14.90
N GLN A 218 2.09 -12.41 -15.13
CA GLN A 218 0.75 -12.96 -15.47
C GLN A 218 -0.31 -12.53 -14.45
N HIS A 219 0.11 -12.55 -13.17
CA HIS A 219 -0.77 -12.18 -12.07
C HIS A 219 -1.27 -10.76 -12.26
N VAL A 220 -0.30 -9.88 -12.46
CA VAL A 220 -0.56 -8.48 -12.57
C VAL A 220 -1.35 -8.15 -13.85
N GLU A 221 -1.23 -8.96 -14.91
CA GLU A 221 -2.03 -8.79 -16.15
C GLU A 221 -3.54 -8.99 -15.89
N ARG A 222 -3.90 -10.08 -15.19
CA ARG A 222 -5.28 -10.37 -14.82
C ARG A 222 -5.80 -9.49 -13.63
N LEU A 223 -4.89 -8.99 -12.77
CA LEU A 223 -5.24 -7.98 -11.71
C LEU A 223 -5.38 -6.52 -12.22
N GLN A 224 -4.64 -6.13 -13.27
CA GLN A 224 -4.64 -4.73 -13.79
C GLN A 224 -6.03 -4.08 -13.89
N ILE A 225 -7.00 -4.84 -14.41
CA ILE A 225 -8.39 -4.39 -14.62
C ILE A 225 -9.12 -3.88 -13.36
N PHE A 226 -8.76 -4.48 -12.22
CA PHE A 226 -9.39 -4.24 -10.91
C PHE A 226 -8.57 -3.34 -10.00
N GLN A 227 -7.26 -3.58 -9.93
CA GLN A 227 -6.37 -2.87 -9.03
C GLN A 227 -5.16 -2.37 -9.80
N HIS A 228 -4.93 -1.07 -9.67
CA HIS A 228 -3.66 -0.44 -10.02
C HIS A 228 -3.44 0.74 -9.10
N LEU A 229 -2.21 1.21 -9.05
CA LEU A 229 -1.82 2.34 -8.24
C LEU A 229 -2.05 1.91 -6.81
N HIS A 230 -1.07 1.22 -6.27
CA HIS A 230 -1.12 0.74 -4.89
C HIS A 230 -0.14 1.57 -4.10
N PRO A 231 -0.64 2.24 -3.04
CA PRO A 231 0.28 2.89 -2.12
C PRO A 231 1.03 1.84 -1.27
N ILE A 232 2.34 1.95 -1.24
CA ILE A 232 3.12 1.02 -0.44
C ILE A 232 4.42 1.69 0.01
N VAL A 233 4.38 2.19 1.25
CA VAL A 233 5.44 2.94 1.92
C VAL A 233 6.81 2.19 2.13
N VAL A 234 7.89 2.97 2.18
CA VAL A 234 9.27 2.48 2.43
C VAL A 234 9.84 3.21 3.65
N ASN B 4 -12.72 23.37 -25.37
CA ASN B 4 -13.30 21.99 -25.37
C ASN B 4 -14.63 21.92 -24.58
N ALA B 5 -14.63 22.04 -23.24
CA ALA B 5 -15.91 21.90 -22.43
C ALA B 5 -16.84 23.15 -22.34
N SER B 6 -18.16 22.89 -22.35
CA SER B 6 -19.22 23.94 -22.19
C SER B 6 -19.81 23.95 -20.76
N LEU B 7 -20.78 24.84 -20.50
CA LEU B 7 -21.39 24.94 -19.16
C LEU B 7 -22.17 23.70 -18.72
N THR B 8 -22.98 23.13 -19.62
CA THR B 8 -23.76 21.94 -19.27
C THR B 8 -22.87 20.74 -19.01
N GLU B 9 -21.82 20.59 -19.80
CA GLU B 9 -20.74 19.60 -19.57
C GLU B 9 -20.00 19.80 -18.24
N ILE B 10 -20.00 21.04 -17.71
CA ILE B 10 -19.40 21.39 -16.40
C ILE B 10 -20.32 20.99 -15.25
N GLU B 11 -21.60 21.32 -15.41
CA GLU B 11 -22.65 20.84 -14.52
C GLU B 11 -22.67 19.30 -14.37
N HIS B 12 -22.39 18.58 -15.47
CA HIS B 12 -22.30 17.14 -15.44
CA HIS B 12 -22.27 17.11 -15.44
C HIS B 12 -21.07 16.75 -14.60
N LEU B 13 -19.95 17.40 -14.88
CA LEU B 13 -18.70 17.15 -14.17
C LEU B 13 -18.89 17.36 -12.66
N VAL B 14 -19.60 18.42 -12.26
CA VAL B 14 -19.86 18.64 -10.86
C VAL B 14 -20.50 17.38 -10.28
N GLN B 15 -21.63 17.01 -10.87
CA GLN B 15 -22.47 15.87 -10.45
C GLN B 15 -21.67 14.60 -10.37
N SER B 16 -20.84 14.40 -11.38
CA SER B 16 -19.95 13.25 -11.42
C SER B 16 -19.01 13.24 -10.23
N VAL B 17 -18.23 14.32 -10.09
CA VAL B 17 -17.17 14.45 -9.07
C VAL B 17 -17.72 14.15 -7.70
N CYS B 18 -18.92 14.67 -7.45
CA CYS B 18 -19.65 14.42 -6.23
C CYS B 18 -20.09 12.95 -6.04
N LYS B 19 -20.40 12.28 -7.13
CA LYS B 19 -20.78 10.88 -7.13
C LYS B 19 -19.53 10.13 -6.71
N SER B 20 -18.47 10.27 -7.48
CA SER B 20 -17.20 9.61 -7.24
C SER B 20 -16.62 9.76 -5.83
N TYR B 21 -16.76 10.94 -5.24
CA TYR B 21 -16.42 11.16 -3.82
C TYR B 21 -17.37 10.38 -2.87
N ARG B 22 -18.67 10.42 -3.14
CA ARG B 22 -19.69 9.71 -2.34
C ARG B 22 -19.40 8.21 -2.25
N GLU B 23 -18.88 7.65 -3.33
CA GLU B 23 -18.53 6.25 -3.46
C GLU B 23 -17.19 5.88 -2.93
N THR B 24 -16.41 6.87 -2.50
CA THR B 24 -15.05 6.65 -2.05
C THR B 24 -14.73 7.46 -0.82
N CYS B 25 -15.73 7.98 -0.12
CA CYS B 25 -15.47 8.87 1.02
C CYS B 25 -14.99 8.17 2.29
N GLN B 26 -14.91 6.85 2.24
CA GLN B 26 -14.36 5.98 3.31
C GLN B 26 -15.34 5.75 4.47
N LEU B 27 -15.61 6.77 5.28
CA LEU B 27 -16.60 6.68 6.35
C LEU B 27 -17.60 7.73 6.08
N ARG B 28 -18.88 7.46 6.34
CA ARG B 28 -19.91 8.45 6.04
C ARG B 28 -19.98 9.54 7.15
N LEU B 29 -20.23 10.76 6.72
CA LEU B 29 -20.19 11.92 7.60
C LEU B 29 -21.18 11.82 8.77
N GLU B 30 -22.40 11.43 8.45
CA GLU B 30 -23.41 11.11 9.46
C GLU B 30 -22.84 10.19 10.56
N ASP B 31 -22.16 9.12 10.19
CA ASP B 31 -21.51 8.22 11.18
C ASP B 31 -20.43 8.92 12.01
N LEU B 32 -19.63 9.78 11.35
CA LEU B 32 -18.58 10.48 12.06
C LEU B 32 -19.16 11.44 13.08
N LEU B 33 -20.24 12.11 12.71
CA LEU B 33 -20.89 13.06 13.61
C LEU B 33 -21.60 12.39 14.81
N ARG B 34 -22.25 11.27 14.54
CA ARG B 34 -22.99 10.50 15.51
C ARG B 34 -22.06 10.01 16.63
N GLN B 35 -20.85 9.56 16.25
CA GLN B 35 -19.86 8.97 17.16
C GLN B 35 -19.00 9.93 17.98
N ARG B 36 -19.25 11.23 17.86
CA ARG B 36 -18.53 12.23 18.61
C ARG B 36 -18.58 12.04 20.12
N SER B 37 -19.73 11.59 20.63
CA SER B 37 -19.91 11.32 22.08
C SER B 37 -19.20 10.06 22.58
N ASN B 38 -18.68 9.25 21.66
CA ASN B 38 -17.97 8.03 21.95
C ASN B 38 -16.45 8.38 21.95
N ILE B 39 -15.93 8.57 23.18
CA ILE B 39 -14.63 9.23 23.46
C ILE B 39 -13.67 8.38 24.28
N PHE B 40 -12.40 8.26 23.84
CA PHE B 40 -11.44 7.49 24.62
C PHE B 40 -11.41 7.96 26.07
N SER B 41 -11.35 7.01 27.01
CA SER B 41 -11.26 7.28 28.44
C SER B 41 -9.84 7.62 28.80
N ARG B 42 -9.64 8.09 30.03
CA ARG B 42 -8.31 8.43 30.51
C ARG B 42 -7.40 7.21 30.43
N GLU B 43 -7.92 6.06 30.83
CA GLU B 43 -7.16 4.81 30.75
C GLU B 43 -6.75 4.42 29.28
N GLU B 44 -7.64 4.62 28.32
CA GLU B 44 -7.35 4.26 26.93
C GLU B 44 -6.33 5.21 26.31
N VAL B 45 -6.42 6.49 26.66
CA VAL B 45 -5.46 7.49 26.20
C VAL B 45 -4.07 7.08 26.67
N THR B 46 -3.97 6.81 27.96
CA THR B 46 -2.74 6.43 28.59
C THR B 46 -2.22 5.19 27.92
N GLY B 47 -3.12 4.27 27.58
CA GLY B 47 -2.70 3.03 26.88
C GLY B 47 -2.05 3.29 25.52
N TYR B 48 -2.58 4.27 24.80
CA TYR B 48 -1.97 4.76 23.55
C TYR B 48 -0.63 5.48 23.77
N GLN B 49 -0.53 6.27 24.83
CA GLN B 49 0.70 7.00 25.13
C GLN B 49 1.85 6.09 25.51
N ARG B 50 1.48 4.93 26.07
CA ARG B 50 2.45 3.96 26.56
C ARG B 50 3.04 3.11 25.42
N LYS B 51 2.37 3.07 24.27
CA LYS B 51 2.88 2.27 23.18
C LYS B 51 4.16 2.85 22.69
N SER B 52 5.02 1.97 22.18
CA SER B 52 6.29 2.35 21.57
C SER B 52 6.07 3.27 20.35
N MET B 53 6.97 4.19 20.09
CA MET B 53 6.84 5.01 18.90
C MET B 53 6.78 4.14 17.64
N TRP B 54 7.50 3.02 17.64
CA TRP B 54 7.45 2.12 16.50
C TRP B 54 6.05 1.55 16.26
N GLU B 55 5.40 1.05 17.31
CA GLU B 55 4.05 0.57 17.17
C GLU B 55 3.09 1.69 16.73
N MET B 56 3.17 2.86 17.33
CA MET B 56 2.25 3.92 16.99
C MET B 56 2.41 4.43 15.54
N TRP B 57 3.65 4.50 15.04
CA TRP B 57 3.90 4.84 13.63
C TRP B 57 3.35 3.74 12.68
N GLU B 58 3.49 2.46 13.05
CA GLU B 58 2.93 1.36 12.25
C GLU B 58 1.42 1.48 12.14
N ARG B 59 0.75 1.67 13.28
CA ARG B 59 -0.68 1.77 13.31
C ARG B 59 -1.18 2.97 12.49
N CYS B 60 -0.53 4.12 12.66
CA CYS B 60 -0.88 5.33 11.96
C CYS B 60 -0.59 5.23 10.46
N ALA B 61 0.52 4.56 10.10
CA ALA B 61 0.87 4.38 8.68
C ALA B 61 -0.18 3.53 7.97
N HIS B 62 -0.60 2.49 8.66
CA HIS B 62 -1.63 1.64 8.16
C HIS B 62 -2.90 2.46 7.91
N HIS B 63 -3.28 3.33 8.84
CA HIS B 63 -4.53 4.03 8.74
C HIS B 63 -4.51 5.06 7.65
N LEU B 64 -3.35 5.71 7.48
CA LEU B 64 -3.15 6.64 6.41
C LEU B 64 -3.14 5.95 5.05
N THR B 65 -2.38 4.86 4.97
CA THR B 65 -2.35 4.06 3.74
C THR B 65 -3.75 3.59 3.32
N GLU B 66 -4.56 3.21 4.28
CA GLU B 66 -5.92 2.82 4.00
C GLU B 66 -6.66 4.05 3.42
N ALA B 67 -6.53 5.21 4.06
CA ALA B 67 -7.18 6.44 3.60
C ALA B 67 -6.74 6.81 2.20
N ILE B 68 -5.45 6.72 1.97
CA ILE B 68 -4.90 6.89 0.65
C ILE B 68 -5.54 6.00 -0.41
N GLN B 69 -5.83 4.75 -0.08
CA GLN B 69 -6.38 3.89 -1.12
C GLN B 69 -7.78 4.30 -1.54
N TYR B 70 -8.57 4.88 -0.65
CA TYR B 70 -9.84 5.48 -1.06
C TYR B 70 -9.65 6.69 -1.93
N VAL B 71 -8.52 7.39 -1.75
CA VAL B 71 -8.21 8.55 -2.60
C VAL B 71 -7.80 8.08 -3.98
N VAL B 72 -7.09 6.97 -4.06
CA VAL B 72 -6.77 6.34 -5.35
C VAL B 72 -8.03 5.96 -6.15
N GLU B 73 -9.05 5.42 -5.47
CA GLU B 73 -10.34 5.17 -6.10
C GLU B 73 -11.05 6.44 -6.47
N PHE B 74 -11.04 7.45 -5.60
CA PHE B 74 -11.56 8.75 -5.99
C PHE B 74 -10.92 9.18 -7.33
N ALA B 75 -9.60 9.06 -7.42
CA ALA B 75 -8.91 9.55 -8.60
C ALA B 75 -9.26 8.72 -9.83
N LYS B 76 -9.33 7.40 -9.66
CA LYS B 76 -9.66 6.49 -10.76
C LYS B 76 -11.05 6.74 -11.39
N ARG B 77 -12.00 7.23 -10.60
CA ARG B 77 -13.37 7.50 -11.09
C ARG B 77 -13.55 8.95 -11.59
N LEU B 78 -12.51 9.76 -11.48
CA LEU B 78 -12.59 11.18 -11.71
C LEU B 78 -12.39 11.37 -13.18
N SER B 79 -13.25 12.18 -13.79
CA SER B 79 -13.37 12.28 -15.24
C SER B 79 -12.06 12.76 -15.86
N GLY B 80 -11.37 11.89 -16.59
CA GLY B 80 -10.12 12.28 -17.26
C GLY B 80 -8.80 12.02 -16.56
N PHE B 81 -8.82 11.67 -15.27
CA PHE B 81 -7.60 11.19 -14.59
C PHE B 81 -7.02 9.95 -15.29
N MET B 82 -7.92 9.09 -15.75
CA MET B 82 -7.52 7.85 -16.42
C MET B 82 -6.98 8.08 -17.83
N GLU B 83 -7.44 9.12 -18.54
CA GLU B 83 -6.89 9.52 -19.83
C GLU B 83 -5.42 9.98 -19.72
N LEU B 84 -4.97 10.39 -18.54
CA LEU B 84 -3.58 10.84 -18.35
C LEU B 84 -2.60 9.64 -18.46
N CYS B 85 -1.37 9.91 -18.86
CA CYS B 85 -0.34 8.87 -18.91
C CYS B 85 0.09 8.39 -17.51
N GLN B 86 0.52 7.13 -17.43
CA GLN B 86 0.92 6.46 -16.18
C GLN B 86 1.83 7.30 -15.31
N ASN B 87 2.88 7.87 -15.89
CA ASN B 87 3.81 8.74 -15.11
C ASN B 87 3.10 9.83 -14.33
N ASP B 88 2.12 10.45 -15.00
CA ASP B 88 1.42 11.61 -14.44
C ASP B 88 0.49 11.22 -13.32
N GLN B 89 -0.25 10.12 -13.53
CA GLN B 89 -1.14 9.59 -12.51
C GLN B 89 -0.34 9.41 -11.21
N ILE B 90 0.78 8.70 -11.30
CA ILE B 90 1.61 8.52 -10.13
C ILE B 90 2.09 9.85 -9.54
N VAL B 91 2.58 10.76 -10.38
CA VAL B 91 3.11 12.07 -9.94
C VAL B 91 2.07 12.82 -9.10
N LEU B 92 0.81 12.80 -9.56
CA LEU B 92 -0.33 13.45 -8.89
C LEU B 92 -0.71 12.80 -7.56
N LEU B 93 -0.72 11.47 -7.57
CA LEU B 93 -1.14 10.70 -6.43
C LEU B 93 -0.09 10.75 -5.34
N LYS B 94 1.18 10.58 -5.75
CA LYS B 94 2.29 10.70 -4.81
C LYS B 94 2.40 12.05 -4.11
N ALA B 95 2.01 13.13 -4.78
CA ALA B 95 2.00 14.46 -4.17
C ALA B 95 0.66 14.78 -3.52
N GLY B 96 -0.45 14.41 -4.15
CA GLY B 96 -1.77 14.88 -3.72
C GLY B 96 -2.56 14.01 -2.74
N ALA B 97 -2.33 12.70 -2.75
CA ALA B 97 -3.18 11.79 -2.02
C ALA B 97 -3.22 12.16 -0.55
N MET B 98 -2.04 12.37 0.03
CA MET B 98 -1.93 12.74 1.46
C MET B 98 -2.55 14.12 1.75
N GLU B 99 -2.45 15.05 0.78
CA GLU B 99 -3.12 16.34 0.86
C GLU B 99 -4.66 16.17 0.89
N VAL B 100 -5.18 15.32 0.02
CA VAL B 100 -6.62 14.98 0.02
C VAL B 100 -7.10 14.32 1.35
N VAL B 101 -6.30 13.40 1.88
CA VAL B 101 -6.61 12.72 3.13
C VAL B 101 -6.63 13.75 4.26
N LEU B 102 -5.67 14.66 4.27
CA LEU B 102 -5.66 15.73 5.28
C LEU B 102 -6.97 16.57 5.27
N VAL B 103 -7.38 16.98 4.09
CA VAL B 103 -8.64 17.71 3.94
C VAL B 103 -9.80 16.82 4.40
N ARG B 104 -9.95 15.66 3.79
CA ARG B 104 -11.01 14.71 4.21
C ARG B 104 -11.09 14.44 5.72
N MET B 105 -9.95 14.29 6.34
CA MET B 105 -9.95 14.00 7.76
C MET B 105 -10.54 15.10 8.65
N CYS B 106 -10.58 16.33 8.15
CA CYS B 106 -11.21 17.39 8.91
C CYS B 106 -12.69 17.06 9.24
N ARG B 107 -13.34 16.23 8.41
CA ARG B 107 -14.67 15.73 8.72
C ARG B 107 -14.73 14.95 10.04
N ALA B 108 -13.64 14.29 10.39
CA ALA B 108 -13.50 13.47 11.57
C ALA B 108 -12.89 14.23 12.76
N TYR B 109 -12.91 15.57 12.68
CA TYR B 109 -12.40 16.43 13.73
C TYR B 109 -13.54 17.15 14.40
N ASN B 110 -13.59 17.11 15.72
CA ASN B 110 -14.60 17.79 16.51
C ASN B 110 -13.99 19.04 17.17
N ALA B 111 -14.33 20.21 16.64
CA ALA B 111 -13.86 21.49 17.22
C ALA B 111 -14.40 21.79 18.62
N ASP B 112 -15.55 21.22 18.98
CA ASP B 112 -16.13 21.46 20.31
C ASP B 112 -15.19 21.01 21.43
N ASN B 113 -14.52 19.88 21.23
CA ASN B 113 -13.57 19.37 22.19
C ASN B 113 -12.16 19.09 21.67
N ARG B 114 -11.83 19.51 20.45
CA ARG B 114 -10.46 19.30 19.89
C ARG B 114 -10.02 17.82 19.77
N THR B 115 -10.95 16.97 19.36
CA THR B 115 -10.69 15.57 19.18
C THR B 115 -10.81 15.16 17.72
N VAL B 116 -10.27 13.98 17.46
CA VAL B 116 -10.23 13.39 16.14
C VAL B 116 -10.60 11.90 16.23
N PHE B 117 -11.26 11.38 15.19
CA PHE B 117 -11.66 9.98 15.19
C PHE B 117 -10.44 9.14 14.89
N PHE B 118 -10.21 8.12 15.71
CA PHE B 118 -9.03 7.28 15.57
C PHE B 118 -9.30 5.93 16.19
N GLU B 119 -9.17 4.87 15.39
CA GLU B 119 -9.47 3.50 15.84
C GLU B 119 -10.80 3.36 16.65
N GLY B 120 -11.87 3.97 16.12
CA GLY B 120 -13.25 3.74 16.65
C GLY B 120 -13.77 4.72 17.71
N LYS B 121 -12.90 5.57 18.26
CA LYS B 121 -13.35 6.63 19.14
C LYS B 121 -12.62 7.93 18.90
N TYR B 122 -13.15 9.00 19.49
CA TYR B 122 -12.56 10.30 19.42
C TYR B 122 -11.52 10.50 20.51
N GLY B 123 -10.37 11.04 20.14
CA GLY B 123 -9.35 11.40 21.10
C GLY B 123 -8.63 12.68 20.73
N GLY B 124 -8.10 13.38 21.74
CA GLY B 124 -7.32 14.61 21.53
C GLY B 124 -5.92 14.29 21.07
N MET B 125 -5.11 15.33 20.93
CA MET B 125 -3.76 15.18 20.40
C MET B 125 -2.80 14.42 21.29
N GLU B 126 -3.10 14.39 22.58
CA GLU B 126 -2.33 13.56 23.55
C GLU B 126 -2.24 12.06 23.22
N LEU B 127 -3.26 11.54 22.55
CA LEU B 127 -3.29 10.20 22.04
C LEU B 127 -1.99 9.83 21.37
N PHE B 128 -1.40 10.80 20.67
CA PHE B 128 -0.26 10.61 19.79
C PHE B 128 1.12 10.95 20.39
N ARG B 129 1.17 11.17 21.70
CA ARG B 129 2.41 11.50 22.38
C ARG B 129 3.59 10.64 22.00
N ALA B 130 3.37 9.34 21.83
CA ALA B 130 4.51 8.45 21.69
C ALA B 130 5.29 8.67 20.40
N LEU B 131 4.61 9.19 19.40
CA LEU B 131 5.25 9.44 18.11
C LEU B 131 6.41 10.43 18.21
N GLY B 132 6.44 11.23 19.26
CA GLY B 132 7.57 12.09 19.50
C GLY B 132 7.72 13.03 18.32
N CYS B 133 6.64 13.73 18.01
CA CYS B 133 6.61 14.74 16.94
C CYS B 133 5.42 15.66 17.20
N SER B 134 5.53 16.33 18.33
CA SER B 134 4.53 17.16 18.90
C SER B 134 4.19 18.41 18.11
N GLU B 135 5.19 19.10 17.55
CA GLU B 135 4.89 20.33 16.75
C GLU B 135 4.06 19.94 15.52
N LEU B 136 4.44 18.85 14.88
CA LEU B 136 3.69 18.36 13.75
C LEU B 136 2.18 18.10 14.05
N ILE B 137 1.89 17.34 15.12
CA ILE B 137 0.51 17.03 15.51
C ILE B 137 -0.30 18.26 15.87
N SER B 138 0.30 19.22 16.56
CA SER B 138 -0.40 20.50 16.86
C SER B 138 -0.70 21.27 15.58
N SER B 139 0.23 21.28 14.65
CA SER B 139 -0.02 21.91 13.37
C SER B 139 -1.17 21.27 12.63
N ILE B 140 -1.26 19.97 12.69
CA ILE B 140 -2.33 19.29 12.02
C ILE B 140 -3.64 19.60 12.70
N PHE B 141 -3.65 19.59 14.03
CA PHE B 141 -4.88 19.92 14.75
C PHE B 141 -5.34 21.35 14.49
N ASP B 142 -4.42 22.31 14.46
CA ASP B 142 -4.71 23.74 14.14
C ASP B 142 -5.29 23.89 12.77
N PHE B 143 -4.69 23.21 11.80
CA PHE B 143 -5.22 23.23 10.47
C PHE B 143 -6.65 22.66 10.43
N SER B 144 -6.89 21.59 11.17
CA SER B 144 -8.20 20.97 11.19
C SER B 144 -9.20 21.89 11.87
N HIS B 145 -8.82 22.48 13.00
CA HIS B 145 -9.64 23.51 13.69
C HIS B 145 -10.08 24.66 12.78
N SER B 146 -9.16 25.28 12.06
CA SER B 146 -9.60 26.39 11.19
C SER B 146 -10.41 25.90 10.01
N LEU B 147 -10.01 24.80 9.39
CA LEU B 147 -10.79 24.26 8.28
C LEU B 147 -12.18 23.84 8.70
N SER B 148 -12.29 23.31 9.91
CA SER B 148 -13.57 22.82 10.45
C SER B 148 -14.60 23.94 10.60
N ALA B 149 -14.14 25.16 10.86
CA ALA B 149 -15.01 26.34 11.01
C ALA B 149 -15.80 26.73 9.75
N LEU B 150 -15.29 26.32 8.60
CA LEU B 150 -15.91 26.58 7.32
C LEU B 150 -17.09 25.67 7.01
N HIS B 151 -17.25 24.56 7.76
CA HIS B 151 -18.43 23.68 7.61
C HIS B 151 -18.60 23.26 6.15
N PHE B 152 -17.51 22.80 5.57
CA PHE B 152 -17.49 22.30 4.22
C PHE B 152 -18.55 21.24 4.11
N SER B 153 -19.39 21.36 3.09
CA SER B 153 -20.27 20.29 2.72
C SER B 153 -19.50 19.19 1.99
N GLU B 154 -20.12 18.03 1.92
CA GLU B 154 -19.54 16.89 1.24
C GLU B 154 -19.23 17.18 -0.24
N ASP B 155 -20.07 17.97 -0.91
CA ASP B 155 -19.85 18.35 -2.31
C ASP B 155 -18.68 19.33 -2.46
N GLU B 156 -18.55 20.22 -1.48
CA GLU B 156 -17.41 21.14 -1.37
C GLU B 156 -16.07 20.42 -1.20
N ILE B 157 -16.04 19.47 -0.26
CA ILE B 157 -14.90 18.60 -0.07
C ILE B 157 -14.59 17.84 -1.36
N ALA B 158 -15.64 17.34 -1.99
CA ALA B 158 -15.49 16.59 -3.22
C ALA B 158 -14.82 17.45 -4.31
N LEU B 159 -15.38 18.62 -4.55
CA LEU B 159 -14.86 19.49 -5.61
C LEU B 159 -13.50 20.07 -5.26
N TYR B 160 -13.28 20.48 -4.01
CA TYR B 160 -11.96 21.02 -3.62
C TYR B 160 -10.86 19.95 -3.64
N THR B 161 -11.17 18.71 -3.20
CA THR B 161 -10.16 17.66 -3.19
C THR B 161 -9.81 17.22 -4.62
N ALA B 162 -10.79 17.22 -5.52
CA ALA B 162 -10.50 17.00 -6.92
C ALA B 162 -9.42 17.98 -7.39
N LEU B 163 -9.56 19.27 -7.04
CA LEU B 163 -8.49 20.27 -7.30
C LEU B 163 -7.21 20.07 -6.53
N VAL B 164 -7.29 19.69 -5.27
CA VAL B 164 -6.06 19.36 -4.54
C VAL B 164 -5.23 18.36 -5.38
N LEU B 165 -5.92 17.39 -5.96
CA LEU B 165 -5.27 16.35 -6.69
C LEU B 165 -4.81 16.75 -8.07
N ILE B 166 -5.63 17.51 -8.80
CA ILE B 166 -5.38 17.80 -10.24
C ILE B 166 -4.83 19.19 -10.39
N ASN B 167 -3.50 19.24 -10.23
CA ASN B 167 -2.67 20.42 -10.07
C ASN B 167 -1.53 20.28 -11.11
N ALA B 168 -1.61 21.09 -12.16
CA ALA B 168 -0.59 21.08 -13.21
C ALA B 168 0.76 21.63 -12.80
N HIS B 169 0.86 22.25 -11.62
CA HIS B 169 2.16 22.68 -11.09
C HIS B 169 2.99 21.59 -10.41
N ARG B 170 2.51 20.35 -10.36
CA ARG B 170 3.27 19.31 -9.67
C ARG B 170 4.59 19.08 -10.37
N PRO B 171 5.72 19.14 -9.62
CA PRO B 171 7.02 18.87 -10.24
C PRO B 171 7.08 17.46 -10.83
N GLY B 172 7.42 17.38 -12.12
CA GLY B 172 7.68 16.11 -12.79
C GLY B 172 6.60 15.67 -13.74
N LEU B 173 5.56 16.50 -13.96
CA LEU B 173 4.52 16.11 -14.92
C LEU B 173 5.10 16.12 -16.34
N GLN B 174 4.77 15.10 -17.13
CA GLN B 174 5.24 15.00 -18.53
C GLN B 174 4.32 15.74 -19.55
N GLU B 175 3.00 15.57 -19.39
CA GLU B 175 1.97 16.24 -20.22
C GLU B 175 1.18 17.28 -19.39
N LYS B 176 1.93 18.27 -18.93
CA LYS B 176 1.47 19.38 -18.13
C LYS B 176 0.25 20.11 -18.71
N ARG B 177 0.21 20.32 -20.02
CA ARG B 177 -0.95 20.96 -20.70
C ARG B 177 -2.26 20.19 -20.48
N LYS B 178 -2.13 18.86 -20.51
CA LYS B 178 -3.30 17.96 -20.42
C LYS B 178 -3.97 18.04 -19.03
N VAL B 179 -3.13 18.12 -18.00
CA VAL B 179 -3.56 18.23 -16.61
C VAL B 179 -4.19 19.62 -16.46
N GLU B 180 -3.48 20.64 -16.98
CA GLU B 180 -4.01 22.02 -17.07
C GLU B 180 -5.41 22.05 -17.60
N GLN B 181 -5.67 21.45 -18.75
CA GLN B 181 -7.06 21.39 -19.26
C GLN B 181 -8.01 20.90 -18.21
N LEU B 182 -7.60 19.82 -17.56
CA LEU B 182 -8.45 19.15 -16.59
C LEU B 182 -8.66 20.02 -15.30
N GLN B 183 -7.58 20.58 -14.77
CA GLN B 183 -7.63 21.53 -13.68
C GLN B 183 -8.57 22.71 -13.95
N TYR B 184 -8.51 23.29 -15.15
CA TYR B 184 -9.32 24.48 -15.42
C TYR B 184 -10.78 24.11 -15.41
N ASN B 185 -11.11 22.91 -15.90
CA ASN B 185 -12.50 22.50 -15.89
C ASN B 185 -12.99 22.28 -14.45
N LEU B 186 -12.16 21.66 -13.64
CA LEU B 186 -12.49 21.44 -12.25
C LEU B 186 -12.61 22.76 -11.53
N GLU B 187 -11.77 23.74 -11.88
CA GLU B 187 -11.84 25.08 -11.27
C GLU B 187 -13.16 25.79 -11.51
N LEU B 188 -13.73 25.58 -12.68
CA LEU B 188 -15.00 26.20 -13.08
C LEU B 188 -16.20 25.49 -12.47
N ALA B 189 -16.13 24.17 -12.39
CA ALA B 189 -17.14 23.36 -11.70
C ALA B 189 -17.29 23.86 -10.23
N PHE B 190 -16.18 23.98 -9.52
CA PHE B 190 -16.17 24.42 -8.15
C PHE B 190 -16.78 25.82 -8.04
N HIS B 191 -16.24 26.76 -8.81
CA HIS B 191 -16.78 28.13 -8.85
C HIS B 191 -18.27 28.15 -9.22
N HIS B 192 -18.61 27.42 -10.27
CA HIS B 192 -20.00 27.37 -10.67
C HIS B 192 -20.88 26.88 -9.48
N HIS B 193 -20.51 25.75 -8.89
CA HIS B 193 -21.29 25.18 -7.79
C HIS B 193 -21.47 26.11 -6.58
N LEU B 194 -20.38 26.78 -6.24
CA LEU B 194 -20.38 27.81 -5.20
C LEU B 194 -21.31 28.97 -5.49
N CYS B 195 -21.56 29.24 -6.77
CA CYS B 195 -22.49 30.28 -7.16
C CYS B 195 -23.92 29.76 -7.03
N LYS B 196 -24.20 28.54 -7.46
CA LYS B 196 -25.56 27.99 -7.28
C LYS B 196 -25.94 27.97 -5.79
N THR B 197 -24.99 27.64 -4.94
CA THR B 197 -25.29 27.37 -3.52
C THR B 197 -25.04 28.57 -2.65
N HIS B 198 -24.74 29.72 -3.25
CA HIS B 198 -24.49 30.95 -2.50
C HIS B 198 -23.37 30.77 -1.45
N ARG B 199 -22.33 30.05 -1.88
CA ARG B 199 -21.17 29.76 -1.05
C ARG B 199 -19.79 30.33 -1.53
N GLN B 200 -19.81 31.42 -2.27
CA GLN B 200 -18.57 31.93 -2.81
C GLN B 200 -17.65 32.47 -1.71
N SER B 201 -18.18 32.71 -0.52
CA SER B 201 -17.38 33.16 0.60
C SER B 201 -16.33 32.16 1.08
N ILE B 202 -16.43 30.87 0.72
CA ILE B 202 -15.36 29.95 1.15
C ILE B 202 -14.04 30.10 0.39
N LEU B 203 -14.07 30.69 -0.81
CA LEU B 203 -12.88 30.81 -1.66
C LEU B 203 -11.76 31.54 -1.00
N ALA B 204 -12.10 32.64 -0.36
CA ALA B 204 -11.17 33.43 0.46
C ALA B 204 -10.61 32.73 1.68
N LYS B 205 -11.28 31.71 2.15
CA LYS B 205 -10.93 31.07 3.40
C LYS B 205 -10.15 29.76 3.16
N LEU B 206 -9.90 29.41 1.90
CA LEU B 206 -9.24 28.17 1.58
C LEU B 206 -7.83 28.16 2.13
N PRO B 207 -7.28 26.96 2.36
CA PRO B 207 -5.88 26.89 2.73
C PRO B 207 -5.04 27.63 1.70
N PRO B 208 -4.05 28.45 2.14
CA PRO B 208 -3.23 29.14 1.14
C PRO B 208 -2.28 28.20 0.42
N LYS B 209 -1.73 28.69 -0.70
CA LYS B 209 -0.63 28.07 -1.43
C LYS B 209 0.42 27.43 -0.53
N GLY B 210 0.76 26.18 -0.81
CA GLY B 210 1.83 25.48 -0.08
C GLY B 210 1.55 24.95 1.32
N LYS B 211 0.35 25.17 1.87
CA LYS B 211 0.04 24.81 3.29
C LYS B 211 -0.22 23.30 3.44
N LEU B 212 -1.05 22.71 2.59
CA LEU B 212 -1.26 21.27 2.60
C LEU B 212 0.07 20.54 2.34
N ARG B 213 0.78 21.00 1.29
CA ARG B 213 2.13 20.50 0.88
C ARG B 213 3.11 20.50 2.07
N SER B 214 3.15 21.63 2.72
CA SER B 214 4.06 21.83 3.82
C SER B 214 3.68 20.94 4.95
N LEU B 215 2.40 20.91 5.29
CA LEU B 215 1.93 20.02 6.35
C LEU B 215 2.12 18.53 6.04
N CYS B 216 2.04 18.14 4.77
CA CYS B 216 2.20 16.75 4.43
C CYS B 216 3.65 16.31 4.25
N SER B 217 4.59 17.25 4.15
CA SER B 217 6.01 16.98 3.87
C SER B 217 6.54 15.60 4.37
N GLN B 218 6.70 15.43 5.70
CA GLN B 218 7.30 14.19 6.31
C GLN B 218 6.63 12.96 5.78
N HIS B 219 5.31 12.93 5.92
CA HIS B 219 4.49 11.80 5.47
C HIS B 219 4.68 11.54 3.98
N VAL B 220 4.63 12.56 3.12
CA VAL B 220 4.74 12.31 1.65
C VAL B 220 6.14 11.77 1.32
N GLU B 221 6.57 10.77 2.07
CA GLU B 221 7.63 9.91 1.65
C GLU B 221 6.95 8.56 1.60
N ARG B 222 5.99 8.54 0.70
CA ARG B 222 5.13 7.45 0.43
C ARG B 222 5.35 7.17 -1.04
N LEU B 223 5.17 5.91 -1.45
CA LEU B 223 5.38 5.53 -2.84
C LEU B 223 4.10 5.07 -3.46
N GLN B 224 3.98 5.32 -4.75
CA GLN B 224 2.87 4.85 -5.56
C GLN B 224 3.40 3.92 -6.65
N ILE B 225 2.98 2.66 -6.57
CA ILE B 225 3.41 1.63 -7.47
C ILE B 225 2.34 1.49 -8.57
N PHE B 226 2.74 1.70 -9.84
CA PHE B 226 1.84 1.45 -10.97
C PHE B 226 1.04 0.10 -10.82
N GLN B 227 1.72 -1.03 -10.56
CA GLN B 227 1.04 -2.36 -10.33
C GLN B 227 1.33 -3.01 -8.96
C10 9A0 C . -2.17 -15.37 4.12
C11 9A0 C . -2.34 -14.97 2.68
C14 9A0 C . -2.92 -15.87 0.35
C15 9A0 C . -2.92 -14.70 -0.34
O24 9A0 C . -2.71 -14.12 -5.32
C23 9A0 C . -2.48 -15.09 -4.63
N25 9A0 C . -1.15 -15.60 -4.46
C26 9A0 C . 0.01 -15.01 -5.02
C31 9A0 C . 1.15 -14.98 -4.26
C30 9A0 C . 2.30 -14.42 -4.73
C29 9A0 C . 2.35 -13.89 -6.01
C28 9A0 C . 1.21 -13.91 -6.80
C27 9A0 C . 0.05 -14.48 -6.31
C20 9A0 C . -3.62 -15.84 -3.95
C21 9A0 C . -4.95 -15.05 -4.12
C22 9A0 C . -3.70 -17.20 -4.65
C17 9A0 C . -3.36 -15.93 -2.43
C16 9A0 C . -3.15 -14.76 -1.70
C18 9A0 C . -3.35 -17.10 -1.72
C19 9A0 C . -3.13 -17.05 -0.36
N13 9A0 C . -2.71 -16.01 1.78
O12 9A0 C . -2.15 -13.81 2.34
C09 9A0 C . -0.71 -15.59 4.31
C08 9A0 C . 0.01 -14.58 5.01
C07 9A0 C . 1.34 -14.76 5.20
C32 9A0 C . -0.09 -16.74 3.82
C33 9A0 C . 1.27 -16.88 4.05
C06 9A0 C . 2.01 -15.91 4.75
S03 9A0 C . 3.79 -15.99 4.99
O04 9A0 C . 4.32 -17.28 4.73
O05 9A0 C . 4.12 -15.70 6.35
C02 9A0 C . 4.62 -14.71 4.12
C01 9A0 C . 4.21 -14.69 2.67
C1 EDO D . -0.92 -19.39 -3.33
O1 EDO D . -0.30 -18.12 -3.15
C2 EDO D . 0.14 -20.49 -3.30
O2 EDO D . 1.07 -20.27 -2.23
C1 EDO E . -16.96 -16.00 3.49
O1 EDO E . -15.98 -15.39 4.31
C2 EDO E . -16.90 -17.50 3.73
O2 EDO E . -17.04 -17.76 5.13
C1 EDO F . 20.55 -34.27 -0.32
O1 EDO F . 20.13 -35.41 -1.09
C2 EDO F . 19.37 -33.30 -0.09
O2 EDO F . 18.75 -33.24 1.22
C1 EDO G . 8.68 -24.82 1.58
O1 EDO G . 7.60 -23.96 1.29
C2 EDO G . 8.72 -25.72 0.37
O2 EDO G . 9.98 -25.97 -0.20
C1 EDO H . 5.61 -26.09 2.62
O1 EDO H . 4.58 -26.37 1.68
C2 EDO H . 5.02 -25.88 4.00
O2 EDO H . 5.78 -25.04 4.88
C1 DMF I . -14.34 -23.97 -10.67
C2 DMF I . -12.23 -23.30 -9.44
C DMF I . -13.61 -25.01 -8.63
O DMF I . -14.59 -25.74 -8.56
N DMF I . -13.43 -24.14 -9.53
C10 9A0 J . -9.52 7.24 11.10
C11 9A0 J . -8.09 7.72 10.99
C14 9A0 J . -6.42 9.29 12.09
C15 9A0 J . -5.27 8.94 11.42
O24 9A0 J . -1.16 11.55 10.98
C23 9A0 J . -2.22 11.88 11.40
N25 9A0 J . -3.03 12.68 10.56
C26 9A0 J . -2.69 13.11 9.26
C31 9A0 J . -1.40 13.57 8.91
C30 9A0 J . -1.16 13.98 7.61
C29 9A0 J . -2.16 13.96 6.64
C28 9A0 J . -3.43 13.51 7.02
C27 9A0 J . -3.69 13.08 8.31
C20 9A0 J . -2.74 11.48 12.77
C21 9A0 J . -1.79 10.50 13.49
C22 9A0 J . -2.87 12.77 13.54
C17 9A0 J . -4.06 10.74 12.55
C16 9A0 J . -4.10 9.66 11.68
C18 9A0 J . -5.21 11.07 13.19
C19 9A0 J . -6.39 10.39 12.96
N13 9A0 J . -7.71 8.65 11.98
O12 9A0 J . -7.34 7.35 10.10
C09 9A0 J . -10.28 7.88 9.98
C08 9A0 J . -10.66 7.09 8.89
C07 9A0 J . -11.33 7.71 7.87
C32 9A0 J . -10.55 9.25 10.06
C33 9A0 J . -11.23 9.83 9.04
C06 9A0 J . -11.62 9.06 7.97
S03 9A0 J . -12.48 9.79 6.63
O04 9A0 J . -13.61 8.96 6.34
O05 9A0 J . -13.04 11.08 6.90
C02 9A0 J . -11.45 9.87 5.19
C01 9A0 J . -10.08 10.39 5.57
C1 EDO K . 7.18 7.95 23.89
O1 EDO K . 7.90 7.35 22.75
C2 EDO K . 7.71 7.87 25.32
O2 EDO K . 8.23 9.07 26.01
C1 EDO L . -7.13 15.35 11.59
O1 EDO L . -7.25 16.41 12.53
C2 EDO L . -5.95 14.55 12.13
O2 EDO L . -5.36 13.79 11.10
C1 EDO M . -14.18 20.98 6.91
O1 EDO M . -14.99 22.15 7.20
C2 EDO M . -14.17 19.88 7.97
O2 EDO M . -15.45 19.57 8.55
C1 EDO N . -9.92 3.45 11.42
O1 EDO N . -9.37 3.27 10.08
C2 EDO N . -8.79 3.36 12.42
O2 EDO N . -8.00 4.57 12.71
C1 DMF O . 3.96 16.83 1.13
C2 DMF O . 2.75 17.02 -0.99
C DMF O . 5.19 16.85 -0.87
O DMF O . 6.25 16.80 -0.21
N DMF O . 4.03 16.88 -0.30
#